data_6FVH
#
_entry.id   6FVH
#
_cell.length_a   67.822
_cell.length_b   68.375
_cell.length_c   88.596
_cell.angle_alpha   90.00
_cell.angle_beta   90.00
_cell.angle_gamma   90.00
#
_symmetry.space_group_name_H-M   'P 21 21 21'
#
loop_
_entity.id
_entity.type
_entity.pdbx_description
1 polymer 'Macrophage migration inhibitory factor'
2 non-polymer 'SULFATE ION'
3 non-polymer N-phenylthioformamide
4 water water
#
_entity_poly.entity_id   1
_entity_poly.type   'polypeptide(L)'
_entity_poly.pdbx_seq_one_letter_code
;PMFIVNTNVPRASVPDGFLSELTQQLAQATGKPPQYIAVHVVPDQLMAFGGSSEPCALCSLHSIGKIGGAQNRSYSKLLC
GLLAERLRISPDRVYINYYDMNAANVGWNNSTFA
;
_entity_poly.pdbx_strand_id   A,B,C
#
loop_
_chem_comp.id
_chem_comp.type
_chem_comp.name
_chem_comp.formula
0FI non-polymer N-phenylthioformamide 'C7 H7 N S'
SO4 non-polymer 'SULFATE ION' 'O4 S -2'
#
# COMPACT_ATOMS: atom_id res chain seq x y z
N PRO A 1 13.95 4.14 -7.07
CA PRO A 1 12.62 3.43 -7.18
C PRO A 1 12.33 2.36 -6.11
N MET A 2 11.04 2.04 -5.94
CA MET A 2 10.65 1.03 -4.99
C MET A 2 9.52 0.15 -5.54
N PHE A 3 9.68 -1.15 -5.34
CA PHE A 3 8.78 -2.15 -5.89
C PHE A 3 8.26 -3.04 -4.78
N ILE A 4 6.94 -3.18 -4.73
CA ILE A 4 6.27 -4.01 -3.74
C ILE A 4 5.42 -5.03 -4.49
N VAL A 5 5.51 -6.28 -4.08
CA VAL A 5 4.69 -7.37 -4.60
C VAL A 5 3.97 -8.05 -3.46
N ASN A 6 2.64 -8.08 -3.54
CA ASN A 6 1.77 -8.78 -2.62
C ASN A 6 1.22 -9.99 -3.36
N THR A 7 1.32 -11.16 -2.78
CA THR A 7 0.89 -12.37 -3.45
C THR A 7 0.34 -13.41 -2.46
N ASN A 8 -0.53 -14.28 -2.99
CA ASN A 8 -1.00 -15.45 -2.27
C ASN A 8 -0.09 -16.66 -2.35
N VAL A 9 0.98 -16.56 -3.13
CA VAL A 9 1.99 -17.64 -3.19
C VAL A 9 2.60 -17.79 -1.80
N PRO A 10 2.81 -19.03 -1.33
CA PRO A 10 3.36 -19.16 0.02
C PRO A 10 4.83 -18.79 0.13
N ARG A 11 5.26 -18.42 1.35
CA ARG A 11 6.65 -17.99 1.58
C ARG A 11 7.67 -19.04 1.10
N ALA A 12 7.38 -20.32 1.31
CA ALA A 12 8.32 -21.39 0.92
C ALA A 12 8.57 -21.47 -0.58
N SER A 13 7.64 -20.92 -1.37
CA SER A 13 7.76 -20.86 -2.83
C SER A 13 8.51 -19.65 -3.37
N VAL A 14 8.93 -18.73 -2.49
CA VAL A 14 9.77 -17.63 -2.90
C VAL A 14 11.22 -18.10 -2.86
N PRO A 15 11.92 -18.09 -4.02
CA PRO A 15 13.26 -18.70 -4.01
C PRO A 15 14.32 -17.82 -3.38
N ASP A 16 15.39 -18.45 -2.88
CA ASP A 16 16.59 -17.71 -2.50
C ASP A 16 17.04 -16.83 -3.65
N GLY A 17 17.37 -15.59 -3.31
CA GLY A 17 17.89 -14.67 -4.29
C GLY A 17 16.83 -13.79 -4.92
N PHE A 18 15.55 -14.00 -4.59
CA PHE A 18 14.46 -13.27 -5.30
C PHE A 18 14.55 -11.75 -5.11
N LEU A 19 14.75 -11.26 -3.89
CA LEU A 19 14.86 -9.82 -3.67
C LEU A 19 16.09 -9.24 -4.37
N SER A 20 17.18 -10.01 -4.33
CA SER A 20 18.39 -9.60 -5.03
C SER A 20 18.20 -9.51 -6.54
N GLU A 21 17.49 -10.48 -7.11
CA GLU A 21 17.18 -10.47 -8.55
C GLU A 21 16.28 -9.30 -8.91
N LEU A 22 15.23 -9.07 -8.12
CA LEU A 22 14.40 -7.88 -8.35
C LEU A 22 15.18 -6.60 -8.34
N THR A 23 16.09 -6.47 -7.36
CA THR A 23 16.89 -5.26 -7.25
C THR A 23 17.75 -5.06 -8.50
N GLN A 24 18.44 -6.12 -8.90
CA GLN A 24 19.32 -6.08 -10.07
C GLN A 24 18.53 -5.76 -11.35
N GLN A 25 17.40 -6.46 -11.54
CA GLN A 25 16.61 -6.28 -12.75
C GLN A 25 15.94 -4.91 -12.80
N LEU A 26 15.51 -4.38 -11.66
CA LEU A 26 14.97 -3.02 -11.62
C LEU A 26 16.01 -1.96 -11.90
N ALA A 27 17.23 -2.16 -11.41
CA ALA A 27 18.34 -1.27 -11.75
C ALA A 27 18.58 -1.25 -13.24
N GLN A 28 18.60 -2.42 -13.84
CA GLN A 28 18.78 -2.54 -15.28
C GLN A 28 17.66 -1.88 -16.06
N ALA A 29 16.43 -2.08 -15.62
CA ALA A 29 15.28 -1.57 -16.37
C ALA A 29 15.12 -0.08 -16.23
N THR A 30 15.31 0.45 -15.04
CA THR A 30 15.19 1.89 -14.81
C THR A 30 16.49 2.61 -15.11
N GLY A 31 17.59 1.85 -15.16
CA GLY A 31 18.93 2.41 -15.31
C GLY A 31 19.47 3.05 -14.04
N LYS A 32 18.71 2.96 -12.93
CA LYS A 32 19.07 3.64 -11.69
C LYS A 32 20.05 2.81 -10.87
N PRO A 33 20.88 3.47 -10.04
CA PRO A 33 21.82 2.77 -9.19
C PRO A 33 21.16 1.79 -8.21
N PRO A 34 21.67 0.54 -8.14
CA PRO A 34 21.01 -0.41 -7.23
C PRO A 34 21.01 0.02 -5.78
N GLN A 35 21.95 0.86 -5.37
CA GLN A 35 22.04 1.35 -3.99
C GLN A 35 20.79 2.04 -3.47
N TYR A 36 19.97 2.61 -4.35
CA TYR A 36 18.78 3.29 -3.87
C TYR A 36 17.47 2.58 -4.23
N ILE A 37 17.55 1.38 -4.79
CA ILE A 37 16.37 0.58 -5.09
C ILE A 37 15.89 -0.19 -3.87
N ALA A 38 14.59 -0.09 -3.59
CA ALA A 38 13.99 -0.83 -2.49
C ALA A 38 12.99 -1.81 -3.05
N VAL A 39 12.97 -2.99 -2.46
CA VAL A 39 12.07 -4.08 -2.87
C VAL A 39 11.42 -4.72 -1.65
N HIS A 40 10.18 -5.17 -1.79
CA HIS A 40 9.38 -5.68 -0.68
C HIS A 40 8.47 -6.75 -1.24
N VAL A 41 8.57 -7.97 -0.73
CA VAL A 41 7.76 -9.10 -1.15
C VAL A 41 6.92 -9.56 0.01
N VAL A 42 5.63 -9.71 -0.20
CA VAL A 42 4.69 -10.08 0.86
C VAL A 42 3.91 -11.31 0.41
N PRO A 43 4.39 -12.50 0.80
CA PRO A 43 3.73 -13.73 0.43
C PRO A 43 2.58 -14.11 1.39
N ASP A 44 1.94 -15.25 1.14
CA ASP A 44 0.89 -15.81 2.03
C ASP A 44 -0.34 -14.94 2.23
N GLN A 45 -0.62 -14.09 1.23
CA GLN A 45 -1.74 -13.18 1.38
C GLN A 45 -3.10 -13.77 1.02
N LEU A 46 -4.13 -13.25 1.67
CA LEU A 46 -5.52 -13.58 1.39
C LEU A 46 -6.01 -12.67 0.28
N MET A 47 -5.99 -13.17 -0.95
CA MET A 47 -6.24 -12.37 -2.15
C MET A 47 -7.03 -13.18 -3.14
N ALA A 48 -7.76 -12.47 -3.99
CA ALA A 48 -8.40 -13.04 -5.15
C ALA A 48 -8.25 -12.13 -6.34
N PHE A 49 -8.25 -12.73 -7.52
CA PHE A 49 -8.14 -12.00 -8.78
C PHE A 49 -9.18 -12.61 -9.70
N GLY A 50 -10.13 -11.80 -10.13
CA GLY A 50 -11.21 -12.31 -10.96
C GLY A 50 -12.11 -13.30 -10.26
N GLY A 51 -12.23 -13.18 -8.95
CA GLY A 51 -13.02 -14.08 -8.12
C GLY A 51 -12.34 -15.38 -7.74
N SER A 52 -11.12 -15.60 -8.23
CA SER A 52 -10.39 -16.84 -8.08
C SER A 52 -9.18 -16.68 -7.15
N SER A 53 -8.90 -17.71 -6.34
CA SER A 53 -7.74 -17.74 -5.47
C SER A 53 -6.54 -18.50 -6.04
N GLU A 54 -6.52 -18.68 -7.36
CA GLU A 54 -5.33 -19.23 -8.00
C GLU A 54 -4.19 -18.21 -7.77
N PRO A 55 -2.94 -18.60 -8.02
CA PRO A 55 -1.85 -17.65 -7.74
C PRO A 55 -2.04 -16.33 -8.49
N CYS A 56 -1.81 -15.23 -7.79
CA CYS A 56 -1.96 -13.89 -8.35
C CYS A 56 -1.02 -12.93 -7.61
N ALA A 57 -0.91 -11.70 -8.13
CA ALA A 57 -0.12 -10.68 -7.49
C ALA A 57 -0.68 -9.30 -7.72
N LEU A 58 -0.54 -8.46 -6.70
CA LEU A 58 -0.86 -7.04 -6.78
C LEU A 58 0.38 -6.29 -6.38
N CYS A 59 0.85 -5.42 -7.25
CA CYS A 59 2.16 -4.81 -7.12
C CYS A 59 2.10 -3.32 -7.31
N SER A 60 3.13 -2.64 -6.85
CA SER A 60 3.30 -1.21 -7.07
C SER A 60 4.74 -0.92 -7.41
N LEU A 61 4.95 0.02 -8.34
CA LEU A 61 6.29 0.58 -8.61
C LEU A 61 6.20 2.09 -8.48
N HIS A 62 7.00 2.66 -7.59
CA HIS A 62 7.12 4.10 -7.41
C HIS A 62 8.48 4.54 -7.94
N SER A 63 8.49 5.60 -8.73
CA SER A 63 9.75 6.16 -9.23
C SER A 63 9.62 7.65 -9.35
N ILE A 64 10.73 8.37 -9.13
CA ILE A 64 10.76 9.79 -9.43
C ILE A 64 11.13 9.90 -10.90
N GLY A 65 10.12 10.11 -11.74
CA GLY A 65 10.28 10.00 -13.18
C GLY A 65 10.49 8.56 -13.63
N LYS A 66 10.89 8.43 -14.88
CA LYS A 66 11.03 7.14 -15.55
C LYS A 66 9.71 6.33 -15.58
N ILE A 67 8.59 7.05 -15.61
CA ILE A 67 7.25 6.47 -15.65
C ILE A 67 6.53 7.06 -16.87
N GLY A 68 5.97 6.18 -17.70
CA GLY A 68 5.23 6.63 -18.88
C GLY A 68 4.77 5.46 -19.74
N GLY A 69 4.13 5.76 -20.86
CA GLY A 69 3.53 4.71 -21.68
C GLY A 69 4.43 3.56 -22.05
N ALA A 70 5.49 3.86 -22.80
CA ALA A 70 6.41 2.82 -23.23
C ALA A 70 7.24 2.24 -22.09
N GLN A 71 7.67 3.09 -21.16
CA GLN A 71 8.45 2.62 -20.01
C GLN A 71 7.67 1.62 -19.19
N ASN A 72 6.40 1.93 -18.93
CA ASN A 72 5.61 1.06 -18.07
C ASN A 72 5.29 -0.26 -18.77
N ARG A 73 5.13 -0.24 -20.09
CA ARG A 73 4.97 -1.49 -20.81
C ARG A 73 6.20 -2.39 -20.67
N SER A 74 7.39 -1.77 -20.75
CA SER A 74 8.66 -2.50 -20.58
C SER A 74 8.79 -3.05 -19.15
N TYR A 75 8.43 -2.24 -18.15
CA TYR A 75 8.50 -2.73 -16.77
C TYR A 75 7.55 -3.89 -16.56
N SER A 76 6.36 -3.82 -17.17
CA SER A 76 5.39 -4.87 -16.98
C SER A 76 5.85 -6.18 -17.60
N LYS A 77 6.45 -6.11 -18.78
CA LYS A 77 7.02 -7.32 -19.37
C LYS A 77 8.12 -7.94 -18.50
N LEU A 78 8.99 -7.09 -17.98
CA LEU A 78 10.08 -7.54 -17.10
C LEU A 78 9.53 -8.19 -15.82
N LEU A 79 8.62 -7.47 -15.17
CA LEU A 79 8.17 -7.87 -13.82
C LEU A 79 7.23 -9.05 -13.87
N CYS A 80 6.30 -9.04 -14.82
CA CYS A 80 5.47 -10.23 -15.04
C CYS A 80 6.33 -11.46 -15.42
N GLY A 81 7.39 -11.24 -16.20
CA GLY A 81 8.28 -12.34 -16.52
C GLY A 81 8.94 -12.96 -15.31
N LEU A 82 9.39 -12.11 -14.39
CA LEU A 82 10.00 -12.57 -13.16
C LEU A 82 9.01 -13.27 -12.25
N LEU A 83 7.81 -12.72 -12.15
CA LEU A 83 6.80 -13.35 -11.30
C LEU A 83 6.37 -14.72 -11.86
N ALA A 84 6.32 -14.85 -13.20
CA ALA A 84 5.98 -16.12 -13.82
C ALA A 84 7.10 -17.15 -13.62
N GLU A 85 8.34 -16.75 -13.91
CA GLU A 85 9.49 -17.65 -13.81
C GLU A 85 9.94 -18.05 -12.41
N ARG A 86 9.72 -17.19 -11.43
CA ARG A 86 10.15 -17.46 -10.06
C ARG A 86 9.04 -17.87 -9.11
N LEU A 87 7.86 -17.26 -9.26
CA LEU A 87 6.71 -17.55 -8.37
C LEU A 87 5.61 -18.35 -9.04
N ARG A 88 5.75 -18.61 -10.35
CA ARG A 88 4.76 -19.39 -11.11
C ARG A 88 3.38 -18.73 -11.17
N ILE A 89 3.40 -17.40 -11.24
CA ILE A 89 2.16 -16.63 -11.34
C ILE A 89 1.93 -16.27 -12.81
N SER A 90 0.74 -16.59 -13.32
CA SER A 90 0.41 -16.20 -14.70
C SER A 90 0.41 -14.68 -14.85
N PRO A 91 1.00 -14.14 -15.94
CA PRO A 91 0.96 -12.70 -16.16
C PRO A 91 -0.43 -12.07 -16.20
N ASP A 92 -1.42 -12.85 -16.60
CA ASP A 92 -2.80 -12.33 -16.67
C ASP A 92 -3.50 -12.30 -15.31
N ARG A 93 -2.76 -12.66 -14.26
CA ARG A 93 -3.23 -12.57 -12.87
C ARG A 93 -2.31 -11.66 -12.04
N VAL A 94 -1.72 -10.67 -12.72
CA VAL A 94 -0.89 -9.65 -12.08
C VAL A 94 -1.42 -8.27 -12.43
N TYR A 95 -1.59 -7.42 -11.41
CA TYR A 95 -1.71 -5.99 -11.64
C TYR A 95 -0.52 -5.27 -11.04
N ILE A 96 -0.01 -4.27 -11.75
CA ILE A 96 1.06 -3.41 -11.25
C ILE A 96 0.61 -1.96 -11.37
N ASN A 97 0.52 -1.25 -10.26
CA ASN A 97 0.22 0.18 -10.30
C ASN A 97 1.53 0.96 -10.35
N TYR A 98 1.65 1.86 -11.33
CA TYR A 98 2.83 2.72 -11.49
C TYR A 98 2.55 4.09 -10.95
N TYR A 99 3.47 4.64 -10.15
CA TYR A 99 3.35 5.97 -9.57
C TYR A 99 4.58 6.78 -9.90
N ASP A 100 4.34 7.91 -10.59
CA ASP A 100 5.38 8.91 -10.84
C ASP A 100 5.35 9.91 -9.68
N MET A 101 6.32 9.77 -8.78
CA MET A 101 6.38 10.60 -7.60
C MET A 101 7.12 11.91 -7.86
N ASN A 102 6.60 13.01 -7.35
CA ASN A 102 7.36 14.24 -7.32
C ASN A 102 8.46 14.10 -6.27
N ALA A 103 9.67 14.58 -6.59
CA ALA A 103 10.79 14.49 -5.65
C ALA A 103 10.49 15.15 -4.28
N ALA A 104 9.68 16.20 -4.29
CA ALA A 104 9.28 16.87 -3.05
C ALA A 104 8.36 16.02 -2.17
N ASN A 105 7.78 14.97 -2.76
CA ASN A 105 6.88 14.03 -2.07
C ASN A 105 7.52 12.67 -1.74
N VAL A 106 8.85 12.61 -1.72
CA VAL A 106 9.55 11.41 -1.30
C VAL A 106 10.57 11.81 -0.23
N GLY A 107 10.33 11.31 0.97
CA GLY A 107 11.20 11.50 2.13
C GLY A 107 12.29 10.46 2.18
N TRP A 108 13.48 10.87 2.63
CA TRP A 108 14.64 10.00 2.75
C TRP A 108 15.68 10.76 3.58
N ASN A 109 16.33 10.07 4.51
CA ASN A 109 17.48 10.62 5.24
C ASN A 109 17.18 11.99 5.86
N ASN A 110 16.07 12.05 6.59
CA ASN A 110 15.64 13.25 7.33
C ASN A 110 15.16 14.43 6.49
N SER A 111 15.04 14.23 5.18
CA SER A 111 14.64 15.31 4.29
C SER A 111 13.83 14.73 3.15
N THR A 112 13.78 15.43 2.02
CA THR A 112 13.20 14.92 0.80
C THR A 112 14.21 14.94 -0.35
N PHE A 113 13.82 14.39 -1.48
CA PHE A 113 14.64 14.42 -2.69
C PHE A 113 14.59 15.71 -3.50
N ALA A 114 13.71 16.63 -3.13
CA ALA A 114 13.66 17.94 -3.80
C ALA A 114 14.96 18.73 -3.59
N PRO B 1 -4.99 12.52 8.71
CA PRO B 1 -3.78 11.80 8.12
C PRO B 1 -3.46 10.43 8.64
N MET B 2 -2.81 9.68 7.78
CA MET B 2 -2.57 8.26 7.98
C MET B 2 -1.11 7.99 7.71
N PHE B 3 -0.47 7.26 8.62
CA PHE B 3 0.95 6.92 8.49
C PHE B 3 1.10 5.41 8.55
N ILE B 4 1.79 4.86 7.54
CA ILE B 4 2.03 3.43 7.44
C ILE B 4 3.54 3.23 7.37
N VAL B 5 4.04 2.28 8.15
CA VAL B 5 5.45 1.88 8.12
C VAL B 5 5.55 0.39 7.91
N ASN B 6 6.29 0.00 6.85
CA ASN B 6 6.60 -1.40 6.58
C ASN B 6 8.09 -1.56 6.82
N THR B 7 8.46 -2.57 7.63
CA THR B 7 9.84 -2.76 7.99
C THR B 7 10.20 -4.22 8.16
N ASN B 8 11.49 -4.50 7.97
CA ASN B 8 12.07 -5.82 8.27
C ASN B 8 12.47 -6.03 9.75
N VAL B 9 12.37 -4.97 10.55
CA VAL B 9 12.62 -5.07 11.99
C VAL B 9 11.60 -6.04 12.59
N PRO B 10 12.05 -6.93 13.50
CA PRO B 10 11.11 -7.89 14.06
C PRO B 10 10.06 -7.28 14.99
N ARG B 11 8.92 -7.94 15.11
CA ARG B 11 7.82 -7.50 15.95
C ARG B 11 8.26 -7.20 17.40
N ALA B 12 9.15 -8.02 17.95
CA ALA B 12 9.60 -7.85 19.35
C ALA B 12 10.42 -6.57 19.55
N SER B 13 11.00 -6.04 18.47
CA SER B 13 11.77 -4.80 18.53
C SER B 13 10.92 -3.53 18.40
N VAL B 14 9.60 -3.68 18.21
CA VAL B 14 8.69 -2.52 18.17
C VAL B 14 8.27 -2.23 19.61
N PRO B 15 8.63 -1.04 20.15
CA PRO B 15 8.32 -0.86 21.58
C PRO B 15 6.82 -0.77 21.87
N ASP B 16 6.43 -1.21 23.06
CA ASP B 16 5.11 -0.92 23.55
C ASP B 16 5.02 0.61 23.61
N GLY B 17 3.89 1.11 23.16
CA GLY B 17 3.65 2.54 23.09
C GLY B 17 4.01 3.20 21.77
N PHE B 18 4.61 2.48 20.84
CA PHE B 18 5.07 3.09 19.58
C PHE B 18 3.92 3.68 18.74
N LEU B 19 2.81 2.95 18.60
CA LEU B 19 1.67 3.48 17.83
C LEU B 19 1.09 4.73 18.50
N SER B 20 0.99 4.72 19.83
CA SER B 20 0.52 5.91 20.56
C SER B 20 1.47 7.09 20.41
N GLU B 21 2.78 6.84 20.44
CA GLU B 21 3.76 7.91 20.24
C GLU B 21 3.64 8.51 18.84
N LEU B 22 3.53 7.64 17.83
CA LEU B 22 3.37 8.10 16.47
C LEU B 22 2.11 8.96 16.35
N THR B 23 1.02 8.54 16.98
CA THR B 23 -0.24 9.29 16.92
C THR B 23 -0.09 10.69 17.52
N GLN B 24 0.48 10.76 18.71
CA GLN B 24 0.68 12.03 19.41
C GLN B 24 1.61 12.96 18.63
N GLN B 25 2.73 12.42 18.15
CA GLN B 25 3.69 13.22 17.41
C GLN B 25 3.14 13.72 16.09
N LEU B 26 2.39 12.89 15.40
CA LEU B 26 1.74 13.32 14.17
C LEU B 26 0.63 14.34 14.40
N ALA B 27 -0.10 14.21 15.52
CA ALA B 27 -1.12 15.21 15.86
C ALA B 27 -0.50 16.58 16.02
N GLN B 28 0.57 16.64 16.79
CA GLN B 28 1.32 17.86 16.99
C GLN B 28 1.86 18.41 15.66
N ALA B 29 2.41 17.52 14.83
CA ALA B 29 3.04 17.93 13.56
C ALA B 29 2.07 18.38 12.46
N THR B 30 0.92 17.71 12.33
CA THR B 30 -0.04 18.03 11.26
C THR B 30 -1.06 19.09 11.66
N GLY B 31 -1.12 19.43 12.95
CA GLY B 31 -2.12 20.37 13.49
C GLY B 31 -3.53 19.80 13.60
N LYS B 32 -3.63 18.47 13.65
CA LYS B 32 -4.91 17.79 13.56
C LYS B 32 -5.23 17.13 14.90
N PRO B 33 -6.54 16.99 15.22
CA PRO B 33 -6.87 16.29 16.45
C PRO B 33 -6.43 14.83 16.34
N PRO B 34 -5.96 14.24 17.45
CA PRO B 34 -5.45 12.88 17.34
C PRO B 34 -6.55 11.87 16.99
N GLN B 35 -7.83 12.22 17.20
CA GLN B 35 -8.93 11.35 16.88
C GLN B 35 -8.97 10.96 15.40
N TYR B 36 -8.43 11.81 14.54
CA TYR B 36 -8.42 11.52 13.10
C TYR B 36 -7.19 10.78 12.63
N ILE B 37 -6.16 10.64 13.46
CA ILE B 37 -4.88 10.12 12.98
C ILE B 37 -4.91 8.59 13.03
N ALA B 38 -4.54 7.95 11.91
CA ALA B 38 -4.39 6.50 11.85
C ALA B 38 -2.93 6.16 11.64
N VAL B 39 -2.50 5.10 12.33
CA VAL B 39 -1.14 4.62 12.23
C VAL B 39 -1.13 3.10 12.06
N HIS B 40 -0.15 2.59 11.31
CA HIS B 40 -0.12 1.18 10.95
C HIS B 40 1.35 0.81 10.82
N VAL B 41 1.78 -0.18 11.61
CA VAL B 41 3.17 -0.63 11.61
C VAL B 41 3.18 -2.10 11.22
N VAL B 42 4.03 -2.43 10.25
CA VAL B 42 4.07 -3.77 9.68
C VAL B 42 5.52 -4.28 9.81
N PRO B 43 5.82 -5.02 10.88
CA PRO B 43 7.16 -5.57 11.07
C PRO B 43 7.36 -6.92 10.38
N ASP B 44 8.58 -7.45 10.49
CA ASP B 44 8.91 -8.82 10.03
C ASP B 44 8.82 -8.99 8.51
N GLN B 45 8.95 -7.89 7.78
CA GLN B 45 8.76 -7.96 6.31
C GLN B 45 10.03 -8.43 5.59
N LEU B 46 9.79 -9.10 4.45
CA LEU B 46 10.85 -9.48 3.53
CA LEU B 46 10.84 -9.50 3.53
C LEU B 46 11.13 -8.33 2.62
N MET B 47 12.16 -7.56 2.93
CA MET B 47 12.47 -6.38 2.14
C MET B 47 13.97 -6.15 2.08
N ALA B 48 14.37 -5.37 1.09
CA ALA B 48 15.74 -4.95 0.92
C ALA B 48 15.77 -3.51 0.45
N PHE B 49 16.85 -2.83 0.80
CA PHE B 49 17.07 -1.45 0.43
C PHE B 49 18.50 -1.42 -0.05
N GLY B 50 18.71 -1.01 -1.29
CA GLY B 50 20.05 -1.07 -1.86
C GLY B 50 20.64 -2.46 -1.96
N GLY B 51 19.82 -3.49 -2.06
CA GLY B 51 20.33 -4.86 -2.12
C GLY B 51 20.63 -5.53 -0.81
N SER B 52 20.49 -4.78 0.30
CA SER B 52 20.82 -5.27 1.62
C SER B 52 19.58 -5.39 2.50
N SER B 53 19.60 -6.37 3.38
CA SER B 53 18.50 -6.61 4.33
C SER B 53 18.84 -6.14 5.77
N GLU B 54 19.80 -5.22 5.88
CA GLU B 54 19.93 -4.44 7.12
C GLU B 54 18.60 -3.70 7.40
N PRO B 55 18.34 -3.32 8.66
CA PRO B 55 17.06 -2.66 8.92
C PRO B 55 16.75 -1.50 7.97
N CYS B 56 15.51 -1.46 7.51
CA CYS B 56 15.05 -0.44 6.58
C CYS B 56 13.55 -0.26 6.75
N ALA B 57 13.02 0.80 6.16
CA ALA B 57 11.57 1.03 6.22
C ALA B 57 11.08 1.68 4.94
N LEU B 58 9.87 1.27 4.53
CA LEU B 58 9.13 1.89 3.43
C LEU B 58 7.81 2.34 4.00
N CYS B 59 7.55 3.63 3.91
CA CYS B 59 6.44 4.27 4.61
C CYS B 59 5.60 5.13 3.67
N SER B 60 4.40 5.46 4.13
CA SER B 60 3.55 6.42 3.44
C SER B 60 2.90 7.35 4.45
N LEU B 61 2.68 8.59 4.04
CA LEU B 61 1.90 9.55 4.82
C LEU B 61 0.87 10.16 3.87
N HIS B 62 -0.43 9.97 4.18
CA HIS B 62 -1.52 10.52 3.41
C HIS B 62 -2.15 11.64 4.25
N SER B 63 -2.45 12.76 3.59
CA SER B 63 -3.09 13.90 4.25
C SER B 63 -3.97 14.59 3.24
N ILE B 64 -5.08 15.17 3.70
CA ILE B 64 -5.89 16.06 2.86
C ILE B 64 -5.25 17.45 2.96
N GLY B 65 -4.45 17.82 1.96
CA GLY B 65 -3.65 19.04 2.00
C GLY B 65 -2.54 18.93 3.03
N LYS B 66 -1.92 20.07 3.35
CA LYS B 66 -0.77 20.12 4.27
C LYS B 66 0.39 19.20 3.82
N ILE B 67 0.58 19.13 2.50
CA ILE B 67 1.65 18.34 1.87
C ILE B 67 2.34 19.25 0.88
N GLY B 68 3.67 19.33 1.00
CA GLY B 68 4.44 20.17 0.10
C GLY B 68 5.87 20.19 0.52
N GLY B 69 6.72 20.85 -0.25
CA GLY B 69 8.15 20.88 -0.04
C GLY B 69 8.62 21.01 1.41
N ALA B 70 8.37 22.15 2.03
CA ALA B 70 8.86 22.40 3.38
C ALA B 70 8.18 21.53 4.43
N GLN B 71 6.87 21.35 4.30
CA GLN B 71 6.12 20.52 5.23
C GLN B 71 6.63 19.07 5.23
N ASN B 72 6.89 18.54 4.04
CA ASN B 72 7.35 17.16 3.91
C ASN B 72 8.77 16.98 4.46
N ARG B 73 9.62 17.99 4.33
CA ARG B 73 10.95 17.94 4.94
C ARG B 73 10.84 17.86 6.47
N SER B 74 9.94 18.65 7.03
CA SER B 74 9.69 18.61 8.47
C SER B 74 9.11 17.26 8.91
N TYR B 75 8.17 16.71 8.16
CA TYR B 75 7.66 15.36 8.48
C TYR B 75 8.77 14.30 8.42
N SER B 76 9.66 14.43 7.44
CA SER B 76 10.71 13.44 7.26
C SER B 76 11.70 13.47 8.42
N LYS B 77 12.04 14.67 8.90
CA LYS B 77 12.94 14.77 10.04
C LYS B 77 12.30 14.14 11.29
N LEU B 78 11.02 14.45 11.51
CA LEU B 78 10.27 13.89 12.63
C LEU B 78 10.21 12.36 12.56
N LEU B 79 9.77 11.85 11.41
CA LEU B 79 9.46 10.44 11.29
C LEU B 79 10.73 9.58 11.20
N CYS B 80 11.72 10.02 10.43
CA CYS B 80 13.03 9.34 10.45
C CYS B 80 13.63 9.34 11.87
N GLY B 81 13.46 10.46 12.58
CA GLY B 81 13.93 10.54 13.99
C GLY B 81 13.33 9.45 14.86
N LEU B 82 12.01 9.26 14.74
CA LEU B 82 11.31 8.25 15.53
C LEU B 82 11.70 6.83 15.12
N LEU B 83 11.84 6.59 13.81
CA LEU B 83 12.26 5.26 13.35
C LEU B 83 13.69 4.94 13.79
N ALA B 84 14.56 5.95 13.80
CA ALA B 84 15.93 5.74 14.27
C ALA B 84 15.98 5.47 15.77
N GLU B 85 15.27 6.28 16.54
CA GLU B 85 15.27 6.16 18.01
C GLU B 85 14.61 4.88 18.49
N ARG B 86 13.44 4.56 17.93
CA ARG B 86 12.61 3.48 18.45
C ARG B 86 12.85 2.14 17.80
N LEU B 87 13.08 2.13 16.48
CA LEU B 87 13.29 0.88 15.75
C LEU B 87 14.73 0.64 15.31
N ARG B 88 15.61 1.62 15.56
CA ARG B 88 17.04 1.52 15.24
C ARG B 88 17.30 1.39 13.73
N ILE B 89 16.48 2.10 12.95
CA ILE B 89 16.63 2.12 11.50
C ILE B 89 17.36 3.38 11.10
N SER B 90 18.43 3.25 10.33
CA SER B 90 19.16 4.42 9.82
C SER B 90 18.25 5.27 8.92
N PRO B 91 18.24 6.60 9.11
CA PRO B 91 17.45 7.48 8.22
C PRO B 91 17.74 7.35 6.73
N ASP B 92 18.98 6.97 6.37
CA ASP B 92 19.30 6.77 4.96
C ASP B 92 18.82 5.41 4.40
N ARG B 93 18.09 4.63 5.21
CA ARG B 93 17.43 3.39 4.76
C ARG B 93 15.91 3.46 4.96
N VAL B 94 15.38 4.68 4.89
CA VAL B 94 13.95 4.95 5.00
C VAL B 94 13.49 5.74 3.77
N TYR B 95 12.40 5.26 3.16
CA TYR B 95 11.64 6.07 2.20
C TYR B 95 10.26 6.35 2.75
N ILE B 96 9.80 7.58 2.57
CA ILE B 96 8.44 7.96 2.94
C ILE B 96 7.79 8.58 1.71
N ASN B 97 6.72 7.95 1.21
CA ASN B 97 5.94 8.54 0.13
C ASN B 97 4.83 9.42 0.71
N TYR B 98 4.75 10.67 0.25
CA TYR B 98 3.75 11.64 0.73
C TYR B 98 2.66 11.77 -0.32
N TYR B 99 1.40 11.70 0.14
CA TYR B 99 0.25 11.79 -0.75
C TYR B 99 -0.68 12.89 -0.27
N ASP B 100 -0.91 13.87 -1.14
CA ASP B 100 -1.90 14.93 -0.92
C ASP B 100 -3.21 14.44 -1.49
N MET B 101 -4.09 13.96 -0.61
CA MET B 101 -5.39 13.43 -1.05
C MET B 101 -6.44 14.53 -1.20
N ASN B 102 -7.25 14.46 -2.25
CA ASN B 102 -8.45 15.29 -2.31
C ASN B 102 -9.48 14.77 -1.34
N ALA B 103 -10.22 15.65 -0.69
CA ALA B 103 -11.26 15.25 0.28
C ALA B 103 -12.29 14.27 -0.31
N ALA B 104 -12.65 14.48 -1.58
CA ALA B 104 -13.63 13.58 -2.23
C ALA B 104 -13.09 12.17 -2.46
N ASN B 105 -11.79 11.99 -2.34
CA ASN B 105 -11.12 10.72 -2.56
C ASN B 105 -10.71 10.04 -1.26
N VAL B 106 -11.28 10.48 -0.13
CA VAL B 106 -11.07 9.82 1.16
C VAL B 106 -12.43 9.44 1.73
N GLY B 107 -12.71 8.14 1.74
CA GLY B 107 -13.90 7.61 2.36
C GLY B 107 -13.76 7.43 3.87
N TRP B 108 -14.87 7.62 4.58
CA TRP B 108 -14.91 7.53 6.04
C TRP B 108 -16.36 7.59 6.45
N ASN B 109 -16.76 6.76 7.41
CA ASN B 109 -18.09 6.87 7.99
C ASN B 109 -19.22 6.85 6.98
N ASN B 110 -19.15 5.87 6.07
CA ASN B 110 -20.19 5.65 5.05
C ASN B 110 -20.28 6.72 3.96
N SER B 111 -19.32 7.66 3.92
CA SER B 111 -19.34 8.76 2.97
C SER B 111 -17.88 9.13 2.64
N THR B 112 -17.65 10.37 2.23
CA THR B 112 -16.30 10.90 2.05
C THR B 112 -16.14 12.18 2.86
N PHE B 113 -14.93 12.72 2.85
CA PHE B 113 -14.68 14.00 3.49
C PHE B 113 -15.07 15.20 2.66
N ALA B 114 -15.57 15.02 1.45
CA ALA B 114 -15.95 16.17 0.62
C ALA B 114 -17.03 17.02 1.25
N PRO C 1 -12.40 -2.49 -10.34
N PRO C 1 -10.76 -2.90 -11.35
CA PRO C 1 -11.49 -2.00 -9.31
CA PRO C 1 -10.53 -2.26 -10.07
C PRO C 1 -10.60 -3.05 -8.60
C PRO C 1 -10.03 -3.18 -8.99
N MET C 2 -9.56 -2.57 -7.90
CA MET C 2 -8.75 -3.34 -6.98
C MET C 2 -9.02 -2.76 -5.60
N PHE C 3 -9.38 -3.62 -4.64
CA PHE C 3 -9.73 -3.19 -3.27
C PHE C 3 -8.85 -3.91 -2.28
N ILE C 4 -8.21 -3.14 -1.40
CA ILE C 4 -7.32 -3.69 -0.37
C ILE C 4 -7.86 -3.21 0.98
N VAL C 5 -7.99 -4.13 1.94
CA VAL C 5 -8.39 -3.80 3.33
C VAL C 5 -7.29 -4.28 4.28
N ASN C 6 -6.75 -3.38 5.08
CA ASN C 6 -5.82 -3.71 6.17
C ASN C 6 -6.56 -3.48 7.48
N THR C 7 -6.53 -4.46 8.37
CA THR C 7 -7.30 -4.37 9.61
C THR C 7 -6.61 -5.09 10.74
N ASN C 8 -6.89 -4.62 11.96
CA ASN C 8 -6.48 -5.29 13.19
C ASN C 8 -7.42 -6.43 13.61
N VAL C 9 -8.54 -6.61 12.94
CA VAL C 9 -9.43 -7.76 13.19
C VAL C 9 -8.64 -9.04 12.93
N PRO C 10 -8.74 -10.04 13.83
CA PRO C 10 -7.96 -11.26 13.61
C PRO C 10 -8.46 -12.12 12.44
N ARG C 11 -7.57 -12.95 11.89
CA ARG C 11 -7.91 -13.80 10.76
C ARG C 11 -9.16 -14.65 11.00
N ALA C 12 -9.30 -15.16 12.22
CA ALA C 12 -10.44 -16.05 12.51
C ALA C 12 -11.79 -15.36 12.47
N SER C 13 -11.78 -14.02 12.55
CA SER C 13 -13.00 -13.20 12.52
C SER C 13 -13.37 -12.76 11.11
N VAL C 14 -12.53 -13.09 10.12
CA VAL C 14 -12.87 -12.84 8.72
C VAL C 14 -13.70 -14.04 8.26
N PRO C 15 -14.97 -13.82 7.89
CA PRO C 15 -15.83 -14.96 7.58
C PRO C 15 -15.50 -15.64 6.28
N ASP C 16 -15.76 -16.94 6.23
CA ASP C 16 -15.67 -17.66 4.98
C ASP C 16 -16.52 -16.96 3.92
N GLY C 17 -15.96 -16.83 2.72
CA GLY C 17 -16.66 -16.21 1.61
C GLY C 17 -16.45 -14.72 1.47
N PHE C 18 -15.68 -14.11 2.35
CA PHE C 18 -15.57 -12.66 2.33
C PHE C 18 -14.91 -12.13 1.05
N LEU C 19 -13.85 -12.76 0.57
CA LEU C 19 -13.25 -12.28 -0.69
C LEU C 19 -14.21 -12.35 -1.86
N SER C 20 -15.00 -13.42 -1.92
CA SER C 20 -15.96 -13.57 -3.00
C SER C 20 -17.09 -12.54 -2.88
N GLU C 21 -17.55 -12.29 -1.64
CA GLU C 21 -18.57 -11.26 -1.45
C GLU C 21 -18.06 -9.88 -1.90
N LEU C 22 -16.82 -9.54 -1.50
CA LEU C 22 -16.25 -8.28 -1.95
C LEU C 22 -16.18 -8.20 -3.46
N THR C 23 -15.75 -9.28 -4.09
CA THR C 23 -15.67 -9.31 -5.57
C THR C 23 -17.02 -9.07 -6.23
N GLN C 24 -18.03 -9.78 -5.72
CA GLN C 24 -19.39 -9.70 -6.28
C GLN C 24 -19.97 -8.33 -6.08
N GLN C 25 -19.81 -7.79 -4.88
CA GLN C 25 -20.41 -6.49 -4.58
C GLN C 25 -19.72 -5.34 -5.31
N LEU C 26 -18.41 -5.41 -5.46
CA LEU C 26 -17.69 -4.41 -6.24
C LEU C 26 -18.03 -4.50 -7.72
N ALA C 27 -18.18 -5.72 -8.25
CA ALA C 27 -18.62 -5.87 -9.65
C ALA C 27 -19.97 -5.22 -9.89
N GLN C 28 -20.90 -5.45 -8.98
CA GLN C 28 -22.22 -4.86 -9.11
C GLN C 28 -22.17 -3.34 -8.96
N ALA C 29 -21.36 -2.86 -8.00
CA ALA C 29 -21.26 -1.42 -7.71
C ALA C 29 -20.59 -0.59 -8.82
N THR C 30 -19.58 -1.15 -9.48
CA THR C 30 -18.87 -0.45 -10.56
C THR C 30 -19.45 -0.74 -11.94
N GLY C 31 -20.42 -1.65 -12.01
CA GLY C 31 -20.95 -2.15 -13.28
C GLY C 31 -19.88 -2.77 -14.16
N LYS C 32 -18.99 -3.56 -13.56
CA LYS C 32 -17.87 -4.15 -14.29
C LYS C 32 -17.83 -5.67 -14.13
N PRO C 33 -17.21 -6.37 -15.09
CA PRO C 33 -17.20 -7.82 -14.97
C PRO C 33 -16.32 -8.29 -13.81
N PRO C 34 -16.75 -9.30 -13.07
CA PRO C 34 -15.97 -9.76 -11.90
C PRO C 34 -14.57 -10.26 -12.27
N GLN C 35 -14.36 -10.68 -13.52
CA GLN C 35 -13.04 -11.09 -14.00
C GLN C 35 -11.97 -10.02 -13.86
N TYR C 36 -12.35 -8.75 -13.82
CA TYR C 36 -11.41 -7.63 -13.66
C TYR C 36 -11.04 -7.33 -12.20
N ILE C 37 -11.86 -7.77 -11.25
CA ILE C 37 -11.79 -7.26 -9.88
C ILE C 37 -10.77 -8.03 -9.06
N ALA C 38 -9.90 -7.31 -8.37
CA ALA C 38 -8.96 -7.92 -7.45
C ALA C 38 -9.25 -7.44 -6.04
N VAL C 39 -9.15 -8.34 -5.07
CA VAL C 39 -9.42 -8.05 -3.66
CA VAL C 39 -9.43 -8.04 -3.68
C VAL C 39 -8.33 -8.64 -2.80
N HIS C 40 -8.01 -7.95 -1.71
CA HIS C 40 -6.91 -8.34 -0.85
C HIS C 40 -7.26 -7.93 0.56
N VAL C 41 -7.29 -8.88 1.48
CA VAL C 41 -7.65 -8.62 2.87
C VAL C 41 -6.48 -9.01 3.75
N VAL C 42 -6.07 -8.08 4.64
CA VAL C 42 -4.91 -8.24 5.48
C VAL C 42 -5.33 -8.08 6.95
N PRO C 43 -5.58 -9.20 7.64
CA PRO C 43 -5.98 -9.16 9.04
C PRO C 43 -4.78 -9.14 9.98
N ASP C 44 -5.06 -9.13 11.27
CA ASP C 44 -4.04 -9.25 12.32
C ASP C 44 -3.01 -8.14 12.35
N GLN C 45 -3.37 -6.96 11.83
CA GLN C 45 -2.41 -5.86 11.76
C GLN C 45 -2.27 -5.07 13.08
N LEU C 46 -1.08 -4.52 13.27
CA LEU C 46 -0.77 -3.62 14.38
C LEU C 46 -1.13 -2.21 13.91
N MET C 47 -2.31 -1.77 14.27
CA MET C 47 -2.77 -0.45 13.84
C MET C 47 -3.59 0.23 14.91
N ALA C 48 -3.67 1.55 14.79
CA ALA C 48 -4.51 2.35 15.66
C ALA C 48 -5.22 3.42 14.86
N PHE C 49 -6.41 3.77 15.33
CA PHE C 49 -7.20 4.82 14.69
C PHE C 49 -7.60 5.72 15.86
N GLY C 50 -7.21 6.99 15.80
CA GLY C 50 -7.44 7.89 16.93
C GLY C 50 -6.71 7.48 18.20
N GLY C 51 -5.61 6.76 18.07
CA GLY C 51 -4.87 6.26 19.23
C GLY C 51 -5.42 4.99 19.89
N SER C 52 -6.54 4.47 19.37
CA SER C 52 -7.24 3.33 19.93
C SER C 52 -6.99 2.12 19.06
N SER C 53 -6.80 0.96 19.71
CA SER C 53 -6.64 -0.31 19.00
C SER C 53 -7.95 -1.09 18.88
N GLU C 54 -9.09 -0.44 19.08
CA GLU C 54 -10.39 -1.07 18.76
C GLU C 54 -10.45 -1.38 17.26
N PRO C 55 -11.35 -2.28 16.82
CA PRO C 55 -11.35 -2.65 15.40
C PRO C 55 -11.39 -1.42 14.49
N CYS C 56 -10.53 -1.45 13.49
CA CYS C 56 -10.44 -0.36 12.49
C CYS C 56 -9.95 -0.95 11.17
N ALA C 57 -10.02 -0.13 10.12
CA ALA C 57 -9.48 -0.55 8.83
C ALA C 57 -8.97 0.63 8.04
N LEU C 58 -7.88 0.36 7.30
CA LEU C 58 -7.32 1.29 6.34
C LEU C 58 -7.36 0.60 4.99
N CYS C 59 -7.96 1.24 4.00
CA CYS C 59 -8.29 0.56 2.74
C CYS C 59 -7.90 1.44 1.57
N SER C 60 -7.83 0.79 0.42
CA SER C 60 -7.62 1.49 -0.85
C SER C 60 -8.51 0.90 -1.92
N LEU C 61 -9.05 1.75 -2.78
CA LEU C 61 -9.77 1.32 -3.98
CA LEU C 61 -9.76 1.32 -3.98
C LEU C 61 -9.13 2.03 -5.19
N HIS C 62 -8.61 1.26 -6.11
CA HIS C 62 -8.02 1.75 -7.35
C HIS C 62 -8.94 1.39 -8.50
N SER C 63 -9.18 2.34 -9.40
CA SER C 63 -9.99 2.08 -10.59
C SER C 63 -9.45 2.92 -11.74
N ILE C 64 -9.60 2.43 -12.97
CA ILE C 64 -9.33 3.25 -14.15
C ILE C 64 -10.65 3.97 -14.48
N GLY C 65 -10.74 5.21 -14.04
CA GLY C 65 -11.99 5.96 -14.07
C GLY C 65 -13.01 5.48 -13.06
N LYS C 66 -14.24 6.01 -13.18
CA LYS C 66 -15.36 5.68 -12.27
C LYS C 66 -15.04 6.07 -10.81
N ILE C 67 -14.24 7.14 -10.67
CA ILE C 67 -13.85 7.69 -9.38
C ILE C 67 -14.25 9.17 -9.37
N GLY C 68 -14.98 9.57 -8.34
CA GLY C 68 -15.53 10.91 -8.32
C GLY C 68 -16.38 11.09 -7.10
N GLY C 69 -16.83 12.32 -6.86
CA GLY C 69 -17.56 12.65 -5.66
C GLY C 69 -18.70 11.69 -5.30
N ALA C 70 -19.68 11.58 -6.18
CA ALA C 70 -20.84 10.77 -5.88
C ALA C 70 -20.55 9.28 -5.89
N GLN C 71 -19.73 8.86 -6.86
CA GLN C 71 -19.34 7.46 -6.95
C GLN C 71 -18.58 7.00 -5.69
N ASN C 72 -17.68 7.86 -5.19
CA ASN C 72 -16.88 7.50 -4.02
C ASN C 72 -17.73 7.46 -2.75
N ARG C 73 -18.73 8.35 -2.63
CA ARG C 73 -19.69 8.24 -1.54
C ARG C 73 -20.45 6.90 -1.58
N SER C 74 -20.87 6.48 -2.77
CA SER C 74 -21.56 5.22 -2.93
C SER C 74 -20.65 4.04 -2.58
N TYR C 75 -19.40 4.08 -3.04
CA TYR C 75 -18.47 3.01 -2.67
C TYR C 75 -18.28 2.94 -1.14
N SER C 76 -18.19 4.11 -0.52
CA SER C 76 -17.94 4.15 0.91
C SER C 76 -19.10 3.58 1.73
N LYS C 77 -20.33 3.88 1.32
CA LYS C 77 -21.50 3.30 1.97
C LYS C 77 -21.50 1.77 1.82
N LEU C 78 -21.21 1.30 0.61
CA LEU C 78 -21.15 -0.14 0.35
C LEU C 78 -20.08 -0.82 1.19
N LEU C 79 -18.87 -0.26 1.14
CA LEU C 79 -17.72 -0.94 1.72
C LEU C 79 -17.70 -0.83 3.23
N CYS C 80 -18.01 0.35 3.76
CA CYS C 80 -18.18 0.46 5.22
C CYS C 80 -19.30 -0.46 5.71
N GLY C 81 -20.37 -0.58 4.91
CA GLY C 81 -21.48 -1.49 5.27
C GLY C 81 -20.99 -2.93 5.40
N LEU C 82 -20.17 -3.38 4.46
CA LEU C 82 -19.62 -4.74 4.51
C LEU C 82 -18.64 -4.94 5.66
N LEU C 83 -17.78 -3.94 5.89
CA LEU C 83 -16.85 -4.05 7.00
C LEU C 83 -17.56 -4.06 8.37
N ALA C 84 -18.65 -3.29 8.50
CA ALA C 84 -19.45 -3.31 9.71
C ALA C 84 -20.16 -4.66 9.90
N GLU C 85 -20.82 -5.14 8.86
CA GLU C 85 -21.61 -6.40 8.92
C GLU C 85 -20.72 -7.60 9.15
N ARG C 86 -19.61 -7.69 8.40
CA ARG C 86 -18.81 -8.91 8.38
C ARG C 86 -17.66 -8.90 9.35
N LEU C 87 -17.01 -7.75 9.55
CA LEU C 87 -15.84 -7.66 10.45
C LEU C 87 -16.12 -6.92 11.75
N ARG C 88 -17.34 -6.40 11.90
CA ARG C 88 -17.76 -5.66 13.11
C ARG C 88 -16.90 -4.42 13.37
N ILE C 89 -16.52 -3.73 12.28
CA ILE C 89 -15.75 -2.51 12.35
C ILE C 89 -16.72 -1.32 12.21
N SER C 90 -16.68 -0.37 13.16
CA SER C 90 -17.50 0.84 13.07
C SER C 90 -17.11 1.65 11.82
N PRO C 91 -18.08 2.15 11.04
CA PRO C 91 -17.75 2.98 9.85
C PRO C 91 -16.90 4.22 10.15
N ASP C 92 -16.98 4.76 11.37
CA ASP C 92 -16.15 5.91 11.72
C ASP C 92 -14.74 5.55 12.15
N ARG C 93 -14.40 4.26 12.05
CA ARG C 93 -13.02 3.77 12.22
C ARG C 93 -12.48 3.11 10.93
N VAL C 94 -12.99 3.56 9.80
CA VAL C 94 -12.52 3.13 8.47
C VAL C 94 -12.11 4.32 7.62
N TYR C 95 -10.92 4.24 7.02
CA TYR C 95 -10.57 5.16 5.94
C TYR C 95 -10.41 4.37 4.65
N ILE C 96 -10.89 4.93 3.55
CA ILE C 96 -10.70 4.33 2.21
C ILE C 96 -10.10 5.38 1.30
N ASN C 97 -8.89 5.14 0.83
CA ASN C 97 -8.28 6.04 -0.14
C ASN C 97 -8.68 5.60 -1.56
N TYR C 98 -9.24 6.52 -2.33
CA TYR C 98 -9.67 6.27 -3.72
C TYR C 98 -8.62 6.80 -4.69
N TYR C 99 -8.27 6.00 -5.68
CA TYR C 99 -7.26 6.36 -6.69
C TYR C 99 -7.81 6.15 -8.10
N ASP C 100 -7.85 7.24 -8.85
CA ASP C 100 -8.22 7.22 -10.28
C ASP C 100 -6.94 7.03 -11.08
N MET C 101 -6.73 5.79 -11.53
CA MET C 101 -5.51 5.43 -12.25
C MET C 101 -5.68 5.70 -13.74
N ASN C 102 -4.62 6.21 -14.35
CA ASN C 102 -4.55 6.29 -15.81
C ASN C 102 -4.25 4.90 -16.37
N ALA C 103 -4.87 4.54 -17.49
CA ALA C 103 -4.66 3.21 -18.10
C ALA C 103 -3.17 2.89 -18.37
N ALA C 104 -2.40 3.92 -18.72
CA ALA C 104 -0.96 3.75 -19.00
C ALA C 104 -0.15 3.40 -17.75
N ASN C 105 -0.72 3.67 -16.58
CA ASN C 105 -0.10 3.42 -15.28
C ASN C 105 -0.61 2.17 -14.55
N VAL C 106 -1.29 1.30 -15.29
CA VAL C 106 -1.71 0.01 -14.76
C VAL C 106 -1.19 -1.10 -15.65
N GLY C 107 -0.24 -1.85 -15.12
CA GLY C 107 0.30 -3.04 -15.73
C GLY C 107 -0.51 -4.28 -15.52
N TRP C 108 -0.54 -5.14 -16.55
CA TRP C 108 -1.28 -6.40 -16.57
C TRP C 108 -0.78 -7.21 -17.74
N ASN C 109 -0.56 -8.49 -17.55
CA ASN C 109 -0.34 -9.41 -18.71
C ASN C 109 0.77 -8.91 -19.63
N ASN C 110 1.91 -8.60 -19.04
CA ASN C 110 3.14 -8.19 -19.76
C ASN C 110 3.09 -6.84 -20.44
N SER C 111 2.03 -6.07 -20.19
CA SER C 111 1.87 -4.75 -20.83
C SER C 111 1.09 -3.85 -19.89
N THR C 112 0.45 -2.82 -20.41
CA THR C 112 -0.45 -1.98 -19.62
C THR C 112 -1.82 -1.92 -20.32
N PHE C 113 -2.77 -1.26 -19.67
CA PHE C 113 -4.09 -1.06 -20.27
C PHE C 113 -4.14 0.06 -21.27
N ALA C 114 -3.09 0.85 -21.46
CA ALA C 114 -3.16 1.95 -22.45
C ALA C 114 -3.41 1.47 -23.86
S SO4 D . 7.53 6.96 -22.35
O1 SO4 D . 8.88 7.11 -22.96
O2 SO4 D . 6.54 6.51 -23.37
O3 SO4 D . 7.10 8.29 -21.80
O4 SO4 D . 7.61 5.97 -21.23
N2 0FI E . 13.59 5.15 -4.97
S2 0FI E . 16.10 5.30 -6.14
C4 0FI E . 14.34 5.04 -6.20
C5 0FI E . 12.33 5.70 -4.88
C6 0FI E . 11.71 5.61 -3.64
C7 0FI E . 10.46 6.16 -3.38
C8 0FI E . 9.81 6.81 -4.43
C9 0FI E . 10.40 6.91 -5.67
C10 0FI E . 11.66 6.37 -5.92
S SO4 F . 18.74 -18.90 -13.83
O1 SO4 F . 19.23 -18.40 -15.14
O2 SO4 F . 19.54 -20.08 -13.43
O3 SO4 F . 18.90 -17.81 -12.84
O4 SO4 F . 17.30 -19.26 -13.89
S SO4 G . 12.60 24.44 4.44
O1 SO4 G . 14.00 24.91 4.54
O2 SO4 G . 12.08 24.69 3.07
O3 SO4 G . 11.77 25.19 5.43
O4 SO4 G . 12.53 22.99 4.72
S SO4 H . 5.28 23.97 1.63
O1 SO4 H . 6.69 24.18 1.19
O2 SO4 H . 4.40 23.91 0.42
O3 SO4 H . 4.86 25.11 2.50
O4 SO4 H . 5.16 22.69 2.37
N2 0FI I . -6.69 11.22 7.74
S2 0FI I . -7.64 13.47 8.82
C4 0FI I . -6.25 12.40 8.43
C5 0FI I . -6.51 10.93 6.42
C6 0FI I . -6.96 9.69 6.01
C7 0FI I . -6.85 9.30 4.70
C8 0FI I . -6.24 10.15 3.78
C9 0FI I . -5.78 11.39 4.19
C10 0FI I . -5.91 11.78 5.50
S SO4 J . -13.89 11.22 14.91
O1 SO4 J . -12.67 11.17 14.06
O2 SO4 J . -14.69 12.40 14.53
O3 SO4 J . -14.71 10.00 14.67
O4 SO4 J . -13.54 11.30 16.33
N2 0FI K . -10.77 -3.02 -11.86
N2 0FI K . -8.79 -3.25 -12.10
S2 0FI K . -13.17 -2.93 -12.83
S2 0FI K . -10.62 -3.34 -13.99
C4 0FI K . -12.01 -2.35 -11.55
C4 0FI K . -10.09 -2.69 -12.40
C5 0FI K . -10.10 -2.80 -13.05
C5 0FI K . -7.83 -2.37 -11.77
C6 0FI K . -8.96 -3.55 -13.28
C6 0FI K . -6.53 -2.78 -11.48
C7 0FI K . -8.23 -3.39 -14.44
C7 0FI K . -5.57 -1.88 -11.12
C8 0FI K . -8.65 -2.49 -15.41
C8 0FI K . -5.89 -0.55 -11.08
C9 0FI K . -9.79 -1.73 -15.20
C9 0FI K . -7.18 -0.12 -11.36
C10 0FI K . -10.52 -1.88 -14.02
C10 0FI K . -8.15 -1.03 -11.71
S SO4 L . -26.13 -13.27 5.05
O1 SO4 L . -27.30 -12.58 4.43
O2 SO4 L . -25.11 -13.40 4.00
O3 SO4 L . -25.66 -12.44 6.18
O4 SO4 L . -26.56 -14.59 5.53
#